data_6V3Z
#
_entry.id   6V3Z
#
_cell.length_a   35.374
_cell.length_b   49.371
_cell.length_c   58.639
_cell.angle_alpha   91.410
_cell.angle_beta   107.550
_cell.angle_gamma   93.610
#
_symmetry.space_group_name_H-M   'P 1'
#
loop_
_entity.id
_entity.type
_entity.pdbx_description
1 polymer Sen1395
2 water water
#
_entity_poly.entity_id   1
_entity_poly.type   'polypeptide(L)'
_entity_poly.pdbx_seq_one_letter_code
;MGSSHHHHHHSSGLVPRGSKPKDEIFDEILGKEGGYVNHPDDKGGPTKWGITEKVARAHGYRGDMRNLTRGQALEILETD
YWYGPRFDRVAKASPDVAAELCDTGVNMGPSVAAKMLQRWLNVFNQGGRLYPDMDTDGRIGPRTLNALRVYLEKRGKDGE
RVLLVALNCTQGERYLELAEKREADESFVYGWMKERVLI
;
_entity_poly.pdbx_strand_id   A,B
#
# COMPACT_ATOMS: atom_id res chain seq x y z
N PRO A 21 10.58 -11.86 -3.35
CA PRO A 21 10.48 -12.22 -4.79
C PRO A 21 10.49 -10.95 -5.67
N LYS A 22 9.70 -9.95 -5.27
CA LYS A 22 9.65 -8.58 -5.80
C LYS A 22 11.03 -7.94 -5.65
N ASP A 23 11.67 -8.10 -4.50
CA ASP A 23 13.02 -7.52 -4.26
C ASP A 23 13.99 -8.08 -5.31
N GLU A 24 13.91 -9.40 -5.56
CA GLU A 24 14.72 -10.10 -6.58
C GLU A 24 14.41 -9.55 -7.99
N ILE A 25 13.12 -9.38 -8.30
CA ILE A 25 12.70 -8.82 -9.61
C ILE A 25 13.39 -7.48 -9.79
N PHE A 26 13.32 -6.56 -8.82
CA PHE A 26 13.82 -5.18 -9.01
C PHE A 26 15.35 -5.19 -8.97
N ASP A 27 15.93 -6.07 -8.17
CA ASP A 27 17.40 -6.17 -7.96
C ASP A 27 18.02 -6.68 -9.27
N GLU A 28 17.26 -7.39 -10.08
CA GLU A 28 17.73 -7.92 -11.38
C GLU A 28 17.57 -6.81 -12.43
N ILE A 29 16.53 -5.99 -12.35
CA ILE A 29 16.33 -4.86 -13.30
C ILE A 29 17.43 -3.82 -13.04
N LEU A 30 17.59 -3.37 -11.79
CA LEU A 30 18.66 -2.45 -11.37
C LEU A 30 19.94 -3.30 -11.33
N GLY A 31 20.79 -3.22 -12.36
CA GLY A 31 22.02 -4.02 -12.38
C GLY A 31 22.99 -3.54 -11.31
N LYS A 32 24.09 -4.25 -11.09
CA LYS A 32 25.14 -3.82 -10.14
C LYS A 32 25.67 -2.40 -10.48
N GLU A 33 25.55 -1.94 -11.72
CA GLU A 33 26.13 -0.63 -12.19
C GLU A 33 25.03 0.26 -12.80
N GLY A 34 25.13 1.58 -12.56
CA GLY A 34 24.23 2.61 -13.13
C GLY A 34 24.14 2.55 -14.66
N GLY A 35 25.25 2.41 -15.40
CA GLY A 35 25.20 2.38 -16.88
C GLY A 35 24.66 3.70 -17.47
N TYR A 36 25.11 4.83 -16.92
CA TYR A 36 24.67 6.18 -17.34
C TYR A 36 24.95 6.33 -18.83
N VAL A 37 23.91 6.46 -19.64
CA VAL A 37 24.01 6.73 -21.11
C VAL A 37 23.23 8.01 -21.36
N ASN A 38 23.78 8.93 -22.16
CA ASN A 38 23.16 10.26 -22.38
C ASN A 38 22.48 10.26 -23.75
N HIS A 39 21.20 9.89 -23.81
CA HIS A 39 20.40 9.94 -25.06
C HIS A 39 19.94 11.38 -25.25
N PRO A 40 19.34 11.70 -26.41
CA PRO A 40 18.77 13.04 -26.64
C PRO A 40 17.72 13.46 -25.58
N ASP A 41 17.78 14.72 -25.12
CA ASP A 41 16.74 15.36 -24.25
C ASP A 41 15.33 14.87 -24.62
N ASP A 42 15.02 14.79 -25.93
CA ASP A 42 13.74 14.31 -26.47
C ASP A 42 13.69 12.77 -26.34
N LYS A 43 14.55 12.06 -27.08
CA LYS A 43 14.52 10.57 -27.19
C LYS A 43 15.03 9.92 -25.91
N GLY A 44 14.20 9.88 -24.85
CA GLY A 44 14.54 9.27 -23.54
C GLY A 44 15.22 10.25 -22.59
N GLY A 45 16.23 10.99 -23.07
CA GLY A 45 17.10 11.83 -22.22
C GLY A 45 18.27 10.99 -21.69
N PRO A 46 19.11 11.54 -20.79
CA PRO A 46 20.09 10.74 -20.04
C PRO A 46 19.45 9.64 -19.16
N THR A 47 19.93 8.39 -19.21
CA THR A 47 19.34 7.26 -18.43
C THR A 47 20.40 6.64 -17.52
N LYS A 48 20.01 6.35 -16.28
CA LYS A 48 20.88 5.66 -15.30
C LYS A 48 19.97 4.75 -14.50
N TRP A 49 20.47 3.55 -14.20
CA TRP A 49 19.75 2.52 -13.41
C TRP A 49 18.42 2.21 -14.11
N GLY A 50 18.41 2.27 -15.43
CA GLY A 50 17.22 2.04 -16.27
C GLY A 50 16.20 3.17 -16.18
N ILE A 51 16.50 4.26 -15.46
CA ILE A 51 15.54 5.39 -15.27
C ILE A 51 15.91 6.47 -16.27
N THR A 52 14.95 6.91 -17.07
CA THR A 52 15.14 8.07 -17.98
C THR A 52 14.99 9.35 -17.16
N GLU A 53 15.60 10.43 -17.61
CA GLU A 53 15.52 11.77 -16.95
C GLU A 53 14.03 12.13 -16.78
N LYS A 54 13.24 11.93 -17.82
CA LYS A 54 11.79 12.25 -17.82
C LYS A 54 11.10 11.53 -16.66
N VAL A 55 11.33 10.21 -16.55
CA VAL A 55 10.70 9.38 -15.48
C VAL A 55 11.21 9.87 -14.11
N ALA A 56 12.51 10.09 -13.97
CA ALA A 56 13.13 10.57 -12.72
C ALA A 56 12.46 11.90 -12.33
N ARG A 57 12.38 12.83 -13.27
CA ARG A 57 11.87 14.19 -12.97
C ARG A 57 10.41 14.07 -12.55
N ALA A 58 9.65 13.19 -13.21
CA ALA A 58 8.22 13.00 -12.95
C ALA A 58 8.04 12.37 -11.57
N HIS A 59 9.13 11.92 -10.93
CA HIS A 59 9.11 11.31 -9.57
C HIS A 59 9.84 12.24 -8.61
N GLY A 60 10.13 13.46 -9.03
CA GLY A 60 10.62 14.52 -8.13
C GLY A 60 12.13 14.58 -8.03
N TYR A 61 12.88 13.82 -8.84
CA TYR A 61 14.35 13.98 -8.94
C TYR A 61 14.70 15.28 -9.66
N ARG A 62 15.55 16.12 -9.06
CA ARG A 62 15.96 17.42 -9.66
C ARG A 62 17.47 17.45 -9.99
N GLY A 63 18.29 16.53 -9.47
CA GLY A 63 19.75 16.50 -9.69
C GLY A 63 20.13 16.22 -11.14
N ASP A 64 21.42 16.06 -11.41
CA ASP A 64 21.94 15.53 -12.70
C ASP A 64 21.79 13.99 -12.68
N MET A 65 21.34 13.43 -13.81
CA MET A 65 21.05 11.99 -13.92
C MET A 65 22.33 11.17 -13.70
N ARG A 66 23.50 11.77 -13.93
CA ARG A 66 24.81 11.12 -13.67
C ARG A 66 24.94 10.82 -12.16
N ASN A 67 24.24 11.56 -11.30
CA ASN A 67 24.34 11.34 -9.84
C ASN A 67 23.07 10.69 -9.25
N LEU A 68 22.17 10.12 -10.07
CA LEU A 68 21.01 9.41 -9.51
C LEU A 68 21.51 8.14 -8.80
N THR A 69 21.10 7.92 -7.56
CA THR A 69 21.53 6.77 -6.74
C THR A 69 20.59 5.59 -6.99
N ARG A 70 21.10 4.38 -6.80
CA ARG A 70 20.33 3.13 -6.90
C ARG A 70 19.09 3.26 -6.01
N GLY A 71 19.20 3.86 -4.83
CA GLY A 71 18.10 3.89 -3.86
C GLY A 71 16.87 4.61 -4.42
N GLN A 72 17.07 5.78 -5.01
CA GLN A 72 15.94 6.62 -5.51
C GLN A 72 15.38 5.91 -6.75
N ALA A 73 16.22 5.25 -7.51
CA ALA A 73 15.84 4.42 -8.68
C ALA A 73 14.96 3.28 -8.21
N LEU A 74 15.35 2.62 -7.11
CA LEU A 74 14.51 1.52 -6.57
C LEU A 74 13.18 2.09 -6.09
N GLU A 75 13.18 3.26 -5.43
CA GLU A 75 11.92 3.92 -5.00
C GLU A 75 11.01 4.14 -6.23
N ILE A 76 11.56 4.60 -7.34
CA ILE A 76 10.78 4.85 -8.58
C ILE A 76 10.19 3.52 -9.10
N LEU A 77 11.00 2.47 -9.13
CA LEU A 77 10.55 1.12 -9.54
C LEU A 77 9.45 0.59 -8.62
N GLU A 78 9.67 0.66 -7.31
CA GLU A 78 8.71 0.11 -6.32
C GLU A 78 7.42 0.89 -6.45
N THR A 79 7.52 2.21 -6.72
CA THR A 79 6.32 3.06 -6.89
C THR A 79 5.54 2.64 -8.14
N ASP A 80 6.21 2.57 -9.27
CA ASP A 80 5.55 2.34 -10.58
C ASP A 80 5.07 0.86 -10.70
N TYR A 81 5.75 -0.12 -10.10
CA TYR A 81 5.52 -1.55 -10.42
C TYR A 81 5.12 -2.36 -9.22
N TRP A 82 4.97 -1.75 -8.03
CA TRP A 82 4.58 -2.54 -6.83
C TRP A 82 3.50 -1.78 -6.06
N TYR A 83 3.83 -0.60 -5.51
CA TYR A 83 2.91 0.17 -4.64
C TYR A 83 1.84 0.87 -5.46
N GLY A 84 2.20 1.61 -6.50
CA GLY A 84 1.23 2.32 -7.36
C GLY A 84 0.11 1.38 -7.77
N PRO A 85 0.42 0.24 -8.42
CA PRO A 85 -0.60 -0.71 -8.87
C PRO A 85 -1.31 -1.47 -7.74
N ARG A 86 -0.79 -1.37 -6.51
CA ARG A 86 -1.33 -2.01 -5.28
C ARG A 86 -1.11 -3.53 -5.35
N PHE A 87 0.02 -3.97 -5.89
CA PHE A 87 0.41 -5.40 -5.89
C PHE A 87 0.78 -5.80 -4.46
N ASP A 88 1.16 -4.83 -3.62
CA ASP A 88 1.49 -5.10 -2.20
C ASP A 88 0.25 -5.60 -1.46
N ARG A 89 -0.92 -5.11 -1.79
CA ARG A 89 -2.19 -5.56 -1.18
C ARG A 89 -2.51 -6.96 -1.72
N VAL A 90 -2.29 -7.17 -3.01
CA VAL A 90 -2.53 -8.53 -3.62
C VAL A 90 -1.66 -9.49 -2.80
N ALA A 91 -0.40 -9.11 -2.52
CA ALA A 91 0.59 -9.94 -1.80
C ALA A 91 0.06 -10.34 -0.43
N LYS A 92 -0.74 -9.48 0.17
CA LYS A 92 -1.40 -9.76 1.48
C LYS A 92 -2.26 -11.02 1.31
N ALA A 93 -3.01 -11.15 0.20
CA ALA A 93 -3.85 -12.34 -0.07
C ALA A 93 -3.00 -13.47 -0.65
N SER A 94 -2.11 -13.16 -1.59
CA SER A 94 -1.31 -14.23 -2.28
C SER A 94 0.01 -13.65 -2.74
N PRO A 95 1.10 -13.94 -1.98
CA PRO A 95 2.43 -13.47 -2.35
C PRO A 95 2.78 -13.94 -3.77
N ASP A 96 2.44 -15.20 -4.10
CA ASP A 96 2.75 -15.80 -5.43
C ASP A 96 2.01 -15.06 -6.57
N VAL A 97 0.72 -14.74 -6.42
CA VAL A 97 -0.05 -14.01 -7.46
C VAL A 97 0.57 -12.62 -7.63
N ALA A 98 0.83 -11.91 -6.51
CA ALA A 98 1.41 -10.56 -6.58
C ALA A 98 2.75 -10.58 -7.29
N ALA A 99 3.59 -11.60 -7.06
CA ALA A 99 4.91 -11.68 -7.67
C ALA A 99 4.78 -11.83 -9.18
N GLU A 100 3.82 -12.65 -9.60
CA GLU A 100 3.56 -12.88 -11.05
C GLU A 100 3.07 -11.58 -11.68
N LEU A 101 2.13 -10.86 -11.02
CA LEU A 101 1.60 -9.56 -11.51
C LEU A 101 2.76 -8.57 -11.65
N CYS A 102 3.64 -8.55 -10.66
CA CYS A 102 4.73 -7.59 -10.64
C CYS A 102 5.67 -7.87 -11.84
N ASP A 103 6.07 -9.10 -12.01
CA ASP A 103 6.96 -9.50 -13.12
C ASP A 103 6.27 -9.19 -14.46
N THR A 104 4.99 -9.45 -14.58
CA THR A 104 4.19 -9.17 -15.80
C THR A 104 4.16 -7.66 -16.03
N GLY A 105 3.92 -6.91 -14.98
CA GLY A 105 3.78 -5.44 -15.08
C GLY A 105 5.07 -4.80 -15.54
N VAL A 106 6.24 -5.24 -15.04
CA VAL A 106 7.54 -4.62 -15.48
C VAL A 106 7.74 -4.86 -16.98
N ASN A 107 7.31 -5.99 -17.55
CA ASN A 107 7.51 -6.31 -19.00
C ASN A 107 6.38 -5.79 -19.88
N MET A 108 5.14 -5.78 -19.44
CA MET A 108 3.98 -5.46 -20.34
C MET A 108 3.22 -4.21 -19.86
N GLY A 109 3.42 -3.76 -18.61
CA GLY A 109 2.57 -2.70 -18.03
C GLY A 109 1.74 -3.25 -16.87
N PRO A 110 1.75 -2.59 -15.70
CA PRO A 110 0.93 -3.00 -14.56
C PRO A 110 -0.57 -3.12 -14.83
N SER A 111 -1.15 -2.30 -15.71
CA SER A 111 -2.61 -2.35 -15.96
C SER A 111 -2.93 -3.57 -16.83
N VAL A 112 -2.06 -3.93 -17.76
CA VAL A 112 -2.20 -5.22 -18.54
C VAL A 112 -2.20 -6.40 -17.55
N ALA A 113 -1.27 -6.36 -16.61
CA ALA A 113 -1.18 -7.44 -15.60
C ALA A 113 -2.46 -7.47 -14.77
N ALA A 114 -2.91 -6.32 -14.28
CA ALA A 114 -4.11 -6.22 -13.43
C ALA A 114 -5.35 -6.71 -14.19
N LYS A 115 -5.44 -6.43 -15.48
CA LYS A 115 -6.60 -6.86 -16.29
C LYS A 115 -6.62 -8.40 -16.42
N MET A 116 -5.44 -9.02 -16.51
CA MET A 116 -5.36 -10.50 -16.62
C MET A 116 -5.98 -11.11 -15.38
N LEU A 117 -5.63 -10.59 -14.19
CA LEU A 117 -6.15 -11.11 -12.94
C LEU A 117 -7.67 -10.97 -12.94
N GLN A 118 -8.16 -9.81 -13.38
CA GLN A 118 -9.60 -9.51 -13.33
C GLN A 118 -10.34 -10.46 -14.29
N ARG A 119 -9.78 -10.65 -15.48
CA ARG A 119 -10.40 -11.58 -16.43
C ARG A 119 -10.58 -12.98 -15.82
N TRP A 120 -9.51 -13.53 -15.23
CA TRP A 120 -9.52 -14.89 -14.66
C TRP A 120 -10.50 -14.93 -13.48
N LEU A 121 -10.51 -13.91 -12.64
CA LEU A 121 -11.37 -13.99 -11.42
C LEU A 121 -12.83 -13.99 -11.87
N ASN A 122 -13.14 -13.31 -12.97
CA ASN A 122 -14.51 -13.25 -13.52
C ASN A 122 -14.86 -14.62 -14.06
N VAL A 123 -13.99 -15.29 -14.80
CA VAL A 123 -14.41 -16.61 -15.39
C VAL A 123 -14.54 -17.65 -14.26
N PHE A 124 -13.75 -17.54 -13.20
CA PHE A 124 -13.70 -18.57 -12.11
C PHE A 124 -14.68 -18.25 -10.97
N ASN A 125 -15.61 -17.31 -11.14
CA ASN A 125 -16.55 -16.98 -10.04
C ASN A 125 -17.87 -17.79 -10.11
N GLN A 126 -17.94 -18.80 -10.99
CA GLN A 126 -19.05 -19.80 -11.11
C GLN A 126 -20.36 -19.10 -11.49
N GLY A 127 -20.36 -18.36 -12.60
CA GLY A 127 -21.52 -17.59 -13.08
C GLY A 127 -21.99 -16.60 -12.04
N GLY A 128 -21.07 -16.07 -11.22
CA GLY A 128 -21.37 -14.99 -10.28
C GLY A 128 -21.77 -15.53 -8.93
N ARG A 129 -21.73 -16.84 -8.71
CA ARG A 129 -22.06 -17.41 -7.38
C ARG A 129 -21.11 -16.86 -6.32
N LEU A 130 -19.78 -16.85 -6.57
CA LEU A 130 -18.79 -16.50 -5.50
C LEU A 130 -18.77 -14.99 -5.28
N TYR A 131 -18.91 -14.24 -6.36
CA TYR A 131 -18.93 -12.76 -6.33
C TYR A 131 -19.37 -12.34 -7.71
N PRO A 132 -19.95 -11.14 -7.87
CA PRO A 132 -20.36 -10.68 -9.18
C PRO A 132 -19.12 -10.39 -10.03
N ASP A 133 -19.27 -10.43 -11.35
CA ASP A 133 -18.23 -10.04 -12.33
C ASP A 133 -17.75 -8.64 -11.98
N MET A 134 -16.44 -8.40 -12.03
CA MET A 134 -15.89 -7.04 -11.81
C MET A 134 -15.57 -6.43 -13.16
N ASP A 135 -15.38 -5.12 -13.14
CA ASP A 135 -14.84 -4.37 -14.29
C ASP A 135 -13.40 -4.86 -14.51
N THR A 136 -13.06 -5.09 -15.77
CA THR A 136 -11.68 -5.43 -16.20
C THR A 136 -10.99 -4.11 -16.56
N ASP A 137 -10.92 -3.21 -15.56
CA ASP A 137 -10.46 -1.81 -15.76
C ASP A 137 -8.95 -1.80 -15.63
N GLY A 138 -8.33 -2.86 -15.12
CA GLY A 138 -6.87 -2.90 -14.96
C GLY A 138 -6.44 -2.08 -13.77
N ARG A 139 -7.33 -1.85 -12.80
CA ARG A 139 -6.96 -1.21 -11.52
C ARG A 139 -7.32 -2.13 -10.38
N ILE A 140 -6.37 -2.41 -9.51
CA ILE A 140 -6.62 -3.22 -8.29
C ILE A 140 -7.35 -2.36 -7.26
N GLY A 141 -8.66 -2.58 -7.11
CA GLY A 141 -9.55 -1.80 -6.25
C GLY A 141 -10.09 -2.72 -5.17
N PRO A 142 -10.87 -2.17 -4.21
CA PRO A 142 -11.38 -2.98 -3.10
C PRO A 142 -12.19 -4.20 -3.59
N ARG A 143 -12.94 -4.05 -4.69
CA ARG A 143 -13.75 -5.16 -5.25
C ARG A 143 -12.84 -6.27 -5.83
N THR A 144 -11.70 -5.90 -6.44
CA THR A 144 -10.75 -6.89 -7.02
C THR A 144 -10.13 -7.63 -5.85
N LEU A 145 -9.73 -6.92 -4.79
CA LEU A 145 -9.08 -7.56 -3.62
C LEU A 145 -10.11 -8.43 -2.91
N ASN A 146 -11.35 -7.98 -2.76
CA ASN A 146 -12.38 -8.83 -2.12
C ASN A 146 -12.62 -10.09 -2.95
N ALA A 147 -12.77 -9.96 -4.27
CA ALA A 147 -12.96 -11.13 -5.16
C ALA A 147 -11.78 -12.10 -4.99
N LEU A 148 -10.55 -11.61 -4.97
CA LEU A 148 -9.38 -12.53 -4.84
C LEU A 148 -9.47 -13.29 -3.50
N ARG A 149 -9.87 -12.62 -2.41
CA ARG A 149 -9.91 -13.27 -1.07
C ARG A 149 -11.03 -14.31 -1.02
N VAL A 150 -12.19 -14.01 -1.62
CA VAL A 150 -13.32 -14.97 -1.64
C VAL A 150 -12.90 -16.17 -2.51
N TYR A 151 -12.28 -15.90 -3.63
CA TYR A 151 -11.85 -16.97 -4.54
C TYR A 151 -10.91 -17.90 -3.74
N LEU A 152 -9.92 -17.31 -3.09
CA LEU A 152 -8.87 -18.09 -2.35
C LEU A 152 -9.50 -18.85 -1.15
N GLU A 153 -10.48 -18.24 -0.49
CA GLU A 153 -11.22 -18.87 0.64
C GLU A 153 -12.03 -20.07 0.14
N LYS A 154 -12.74 -19.96 -0.98
CA LYS A 154 -13.65 -21.03 -1.47
C LYS A 154 -12.83 -22.13 -2.14
N ARG A 155 -11.76 -21.82 -2.86
CA ARG A 155 -11.08 -22.85 -3.69
C ARG A 155 -9.79 -23.31 -3.04
N GLY A 156 -9.36 -22.62 -2.01
CA GLY A 156 -8.21 -22.98 -1.18
C GLY A 156 -6.94 -22.99 -2.01
N LYS A 157 -5.92 -23.68 -1.55
CA LYS A 157 -4.58 -23.65 -2.16
C LYS A 157 -4.65 -24.22 -3.58
N ASP A 158 -5.58 -25.14 -3.88
CA ASP A 158 -5.72 -25.68 -5.25
C ASP A 158 -6.18 -24.53 -6.16
N GLY A 159 -7.09 -23.69 -5.64
CA GLY A 159 -7.54 -22.46 -6.30
C GLY A 159 -6.39 -21.56 -6.67
N GLU A 160 -5.51 -21.30 -5.72
CA GLU A 160 -4.32 -20.44 -5.88
C GLU A 160 -3.46 -21.06 -6.98
N ARG A 161 -3.18 -22.35 -6.90
CA ARG A 161 -2.35 -23.00 -7.93
C ARG A 161 -3.00 -22.84 -9.31
N VAL A 162 -4.31 -23.05 -9.45
CA VAL A 162 -5.04 -22.97 -10.75
C VAL A 162 -4.89 -21.52 -11.27
N LEU A 163 -5.11 -20.56 -10.40
CA LEU A 163 -4.98 -19.14 -10.78
C LEU A 163 -3.56 -18.82 -11.31
N LEU A 164 -2.52 -19.37 -10.72
CA LEU A 164 -1.15 -19.09 -11.15
C LEU A 164 -0.87 -19.69 -12.50
N VAL A 165 -1.38 -20.90 -12.76
CA VAL A 165 -1.19 -21.53 -14.08
C VAL A 165 -1.92 -20.65 -15.09
N ALA A 166 -3.15 -20.27 -14.79
CA ALA A 166 -3.98 -19.46 -15.70
C ALA A 166 -3.25 -18.15 -16.06
N LEU A 167 -2.72 -17.46 -15.05
CA LEU A 167 -1.97 -16.20 -15.26
C LEU A 167 -0.78 -16.45 -16.17
N ASN A 168 -0.06 -17.54 -15.97
CA ASN A 168 1.10 -17.94 -16.81
C ASN A 168 0.68 -18.15 -18.26
N CYS A 169 -0.47 -18.78 -18.50
CA CYS A 169 -1.01 -18.93 -19.87
C CYS A 169 -1.25 -17.57 -20.54
N THR A 170 -1.84 -16.62 -19.84
CA THR A 170 -2.14 -15.26 -20.46
C THR A 170 -0.83 -14.47 -20.62
N GLN A 171 0.14 -14.64 -19.69
CA GLN A 171 1.48 -14.00 -19.85
C GLN A 171 2.13 -14.56 -21.15
N GLY A 172 2.16 -15.88 -21.32
CA GLY A 172 2.89 -16.51 -22.42
C GLY A 172 2.32 -16.15 -23.76
N GLU A 173 0.99 -16.11 -23.87
CA GLU A 173 0.30 -15.70 -25.14
C GLU A 173 0.61 -14.21 -25.44
N ARG A 174 0.65 -13.34 -24.45
CA ARG A 174 1.09 -11.93 -24.64
C ARG A 174 2.56 -11.85 -25.08
N TYR A 175 3.47 -12.69 -24.52
CA TYR A 175 4.88 -12.71 -24.98
C TYR A 175 4.93 -13.17 -26.43
N LEU A 176 4.04 -14.08 -26.82
CA LEU A 176 4.00 -14.55 -28.21
C LEU A 176 3.72 -13.35 -29.12
N GLU A 177 2.65 -12.66 -28.82
CA GLU A 177 2.16 -11.53 -29.62
C GLU A 177 3.21 -10.43 -29.61
N LEU A 178 3.84 -10.14 -28.47
CA LEU A 178 4.94 -9.14 -28.41
C LEU A 178 6.06 -9.60 -29.34
N ALA A 179 6.45 -10.88 -29.28
CA ALA A 179 7.56 -11.41 -30.11
C ALA A 179 7.18 -11.29 -31.59
N GLU A 180 5.92 -11.45 -31.94
CA GLU A 180 5.48 -11.38 -33.35
C GLU A 180 5.67 -9.93 -33.85
N LYS A 181 5.48 -8.94 -32.99
CA LYS A 181 5.55 -7.50 -33.33
C LYS A 181 6.98 -7.00 -33.13
N ARG A 182 7.91 -7.85 -32.70
CA ARG A 182 9.34 -7.49 -32.45
C ARG A 182 9.48 -6.60 -31.21
N GLU A 183 8.55 -6.60 -30.24
CA GLU A 183 8.70 -5.86 -28.95
C GLU A 183 9.31 -6.76 -27.88
N ALA A 184 9.72 -7.98 -28.24
CA ALA A 184 10.30 -8.98 -27.31
C ALA A 184 11.23 -9.90 -28.09
N ASP A 185 12.39 -10.24 -27.54
CA ASP A 185 13.38 -11.09 -28.26
C ASP A 185 12.91 -12.54 -28.22
N GLU A 186 13.13 -13.28 -29.31
CA GLU A 186 12.87 -14.73 -29.38
C GLU A 186 13.53 -15.43 -28.18
N SER A 187 14.77 -15.06 -27.89
CA SER A 187 15.59 -15.74 -26.87
C SER A 187 14.89 -15.52 -25.54
N PHE A 188 14.39 -14.32 -25.32
CA PHE A 188 13.70 -13.95 -24.06
C PHE A 188 12.53 -14.93 -23.86
N VAL A 189 11.69 -15.16 -24.89
CA VAL A 189 10.43 -15.94 -24.75
C VAL A 189 10.81 -17.42 -24.62
N TYR A 190 11.75 -17.89 -25.39
CA TYR A 190 12.27 -19.26 -25.22
C TYR A 190 12.72 -19.46 -23.77
N GLY A 191 13.46 -18.52 -23.19
CA GLY A 191 14.04 -18.64 -21.84
C GLY A 191 12.96 -18.60 -20.76
N TRP A 192 11.94 -17.75 -20.95
CA TRP A 192 10.76 -17.63 -20.06
C TRP A 192 9.97 -18.95 -20.05
N MET A 193 9.72 -19.57 -21.20
CA MET A 193 9.03 -20.90 -21.25
C MET A 193 9.91 -21.97 -20.58
N LYS A 194 11.20 -21.96 -20.88
CA LYS A 194 12.16 -22.95 -20.31
C LYS A 194 12.07 -22.91 -18.78
N GLU A 195 11.97 -21.71 -18.18
CA GLU A 195 11.86 -21.51 -16.71
C GLU A 195 10.55 -22.12 -16.22
N ARG A 196 9.56 -22.36 -17.08
CA ARG A 196 8.24 -22.85 -16.58
C ARG A 196 8.06 -24.35 -16.87
N VAL A 197 9.08 -25.09 -17.29
CA VAL A 197 8.93 -26.54 -17.62
C VAL A 197 9.15 -27.38 -16.34
N LEU A 198 8.39 -28.47 -16.17
CA LEU A 198 8.58 -29.55 -15.17
C LEU A 198 9.62 -29.16 -14.10
N LYS B 20 -1.41 -0.56 22.83
CA LYS B 20 -0.44 0.28 22.09
C LYS B 20 -0.09 -0.38 20.75
N PRO B 21 0.32 -1.68 20.66
CA PRO B 21 0.43 -2.35 19.35
C PRO B 21 -0.90 -2.38 18.54
N LYS B 22 -0.73 -2.55 17.23
CA LYS B 22 -1.80 -2.38 16.21
C LYS B 22 -2.92 -3.40 16.44
N ASP B 23 -2.57 -4.66 16.63
CA ASP B 23 -3.54 -5.76 16.87
C ASP B 23 -4.41 -5.40 18.08
N GLU B 24 -3.81 -4.90 19.14
CA GLU B 24 -4.53 -4.56 20.39
C GLU B 24 -5.41 -3.34 20.14
N ILE B 25 -4.93 -2.37 19.37
CA ILE B 25 -5.78 -1.21 18.99
C ILE B 25 -7.05 -1.73 18.31
N PHE B 26 -6.94 -2.62 17.31
CA PHE B 26 -8.12 -3.05 16.51
C PHE B 26 -8.98 -4.02 17.33
N ASP B 27 -8.32 -4.83 18.17
CA ASP B 27 -8.99 -5.89 18.97
C ASP B 27 -9.78 -5.21 20.08
N GLU B 28 -9.44 -3.97 20.42
CA GLU B 28 -10.18 -3.20 21.45
C GLU B 28 -11.32 -2.47 20.75
N ILE B 29 -11.16 -2.05 19.50
CA ILE B 29 -12.28 -1.38 18.76
C ILE B 29 -13.35 -2.44 18.46
N LEU B 30 -12.96 -3.57 17.86
CA LEU B 30 -13.85 -4.72 17.56
C LEU B 30 -14.03 -5.40 18.90
N GLY B 31 -15.22 -5.43 19.48
CA GLY B 31 -15.38 -6.08 20.79
C GLY B 31 -15.25 -7.60 20.68
N LYS B 32 -15.97 -8.31 21.55
CA LYS B 32 -16.26 -9.76 21.42
C LYS B 32 -17.66 -9.97 20.78
N GLU B 33 -18.41 -8.91 20.50
CA GLU B 33 -19.82 -8.99 20.02
C GLU B 33 -20.07 -7.93 18.95
N GLY B 34 -20.69 -8.33 17.84
CA GLY B 34 -20.98 -7.46 16.68
C GLY B 34 -21.86 -6.29 17.07
N GLY B 35 -23.07 -6.59 17.55
CA GLY B 35 -24.02 -5.62 18.10
C GLY B 35 -24.71 -4.84 17.00
N TYR B 36 -25.15 -5.52 15.94
CA TYR B 36 -25.96 -4.92 14.84
C TYR B 36 -26.95 -3.97 15.50
N VAL B 37 -26.83 -2.68 15.20
CA VAL B 37 -27.81 -1.65 15.66
C VAL B 37 -28.29 -0.96 14.38
N ASN B 38 -29.59 -0.90 14.15
CA ASN B 38 -30.10 -0.49 12.80
C ASN B 38 -30.43 0.99 12.87
N HIS B 39 -29.41 1.84 12.75
CA HIS B 39 -29.69 3.29 12.61
C HIS B 39 -30.35 3.50 11.25
N PRO B 40 -31.20 4.55 11.15
CA PRO B 40 -31.99 4.79 9.95
C PRO B 40 -31.15 5.57 8.92
N ASP B 41 -29.94 5.08 8.61
CA ASP B 41 -29.05 5.59 7.55
C ASP B 41 -28.48 6.97 7.95
N ASP B 42 -29.32 7.91 8.36
CA ASP B 42 -28.95 9.29 8.77
C ASP B 42 -27.84 9.24 9.83
N LYS B 43 -28.12 8.67 11.00
CA LYS B 43 -27.13 8.43 12.07
C LYS B 43 -26.33 7.17 11.74
N GLY B 44 -25.86 7.03 10.48
CA GLY B 44 -25.26 5.80 9.93
C GLY B 44 -26.20 4.60 10.07
N GLY B 45 -25.67 3.38 10.24
CA GLY B 45 -26.46 2.17 10.51
C GLY B 45 -27.23 1.75 9.26
N PRO B 46 -27.58 0.46 9.03
CA PRO B 46 -27.25 -0.66 9.93
C PRO B 46 -25.73 -0.83 10.21
N THR B 47 -25.34 -0.89 11.48
CA THR B 47 -23.90 -0.95 11.90
C THR B 47 -23.62 -2.22 12.72
N LYS B 48 -22.57 -2.95 12.37
CA LYS B 48 -22.08 -4.11 13.14
C LYS B 48 -20.56 -4.01 13.24
N TRP B 49 -20.02 -4.40 14.40
CA TRP B 49 -18.56 -4.40 14.67
C TRP B 49 -18.01 -3.00 14.47
N GLY B 50 -18.81 -1.98 14.76
CA GLY B 50 -18.46 -0.57 14.54
C GLY B 50 -18.42 -0.21 13.06
N ILE B 51 -18.78 -1.11 12.15
CA ILE B 51 -18.73 -0.84 10.69
C ILE B 51 -20.14 -0.44 10.25
N THR B 52 -20.27 0.69 9.57
CA THR B 52 -21.54 1.06 8.88
C THR B 52 -21.66 0.25 7.57
N GLU B 53 -22.90 0.06 7.12
CA GLU B 53 -23.21 -0.60 5.83
C GLU B 53 -22.40 0.13 4.75
N LYS B 54 -22.42 1.47 4.82
CA LYS B 54 -21.77 2.35 3.82
C LYS B 54 -20.31 1.95 3.68
N VAL B 55 -19.60 1.84 4.80
CA VAL B 55 -18.16 1.50 4.79
C VAL B 55 -17.98 0.06 4.30
N ALA B 56 -18.78 -0.88 4.80
CA ALA B 56 -18.71 -2.30 4.39
C ALA B 56 -18.86 -2.41 2.87
N ARG B 57 -19.88 -1.79 2.31
CA ARG B 57 -20.17 -1.95 0.85
C ARG B 57 -19.05 -1.27 0.07
N ALA B 58 -18.54 -0.13 0.57
CA ALA B 58 -17.42 0.61 -0.04
C ALA B 58 -16.15 -0.23 0.00
N HIS B 59 -16.14 -1.35 0.75
CA HIS B 59 -15.00 -2.31 0.82
C HIS B 59 -15.35 -3.60 0.11
N GLY B 60 -16.49 -3.63 -0.58
CA GLY B 60 -16.89 -4.76 -1.46
C GLY B 60 -17.65 -5.86 -0.75
N TYR B 61 -17.99 -5.70 0.54
CA TYR B 61 -18.92 -6.61 1.25
C TYR B 61 -20.35 -6.48 0.66
N ARG B 62 -20.95 -7.60 0.24
CA ARG B 62 -22.29 -7.60 -0.41
C ARG B 62 -23.33 -8.42 0.37
N GLY B 63 -22.94 -9.11 1.46
CA GLY B 63 -23.90 -9.84 2.32
C GLY B 63 -24.85 -8.90 3.06
N ASP B 64 -25.64 -9.44 3.98
CA ASP B 64 -26.47 -8.61 4.91
C ASP B 64 -25.57 -8.09 6.05
N MET B 65 -25.76 -6.84 6.45
CA MET B 65 -24.97 -6.21 7.55
C MET B 65 -25.14 -7.00 8.85
N ARG B 66 -26.23 -7.74 8.99
CA ARG B 66 -26.48 -8.57 10.19
C ARG B 66 -25.48 -9.72 10.21
N ASN B 67 -24.91 -10.08 9.07
CA ASN B 67 -24.03 -11.27 8.93
C ASN B 67 -22.59 -10.87 8.62
N LEU B 68 -22.23 -9.60 8.85
CA LEU B 68 -20.80 -9.18 8.76
C LEU B 68 -19.99 -9.96 9.80
N THR B 69 -18.95 -10.65 9.35
CA THR B 69 -18.04 -11.40 10.23
C THR B 69 -17.04 -10.43 10.89
N ARG B 70 -16.59 -10.75 12.10
CA ARG B 70 -15.48 -10.05 12.79
C ARG B 70 -14.30 -9.93 11.82
N GLY B 71 -14.02 -10.98 11.07
CA GLY B 71 -12.80 -11.01 10.25
C GLY B 71 -12.87 -10.04 9.09
N GLN B 72 -14.06 -9.90 8.50
CA GLN B 72 -14.30 -8.94 7.40
C GLN B 72 -14.12 -7.55 8.00
N ALA B 73 -14.61 -7.37 9.24
CA ALA B 73 -14.59 -6.07 9.95
C ALA B 73 -13.14 -5.71 10.29
N LEU B 74 -12.34 -6.67 10.71
CA LEU B 74 -10.92 -6.44 11.01
C LEU B 74 -10.22 -6.08 9.69
N GLU B 75 -10.53 -6.78 8.60
CA GLU B 75 -9.93 -6.48 7.29
C GLU B 75 -10.24 -5.02 6.92
N ILE B 76 -11.46 -4.56 7.19
CA ILE B 76 -11.88 -3.19 6.84
C ILE B 76 -11.10 -2.18 7.69
N LEU B 77 -10.96 -2.43 8.99
CA LEU B 77 -10.19 -1.56 9.92
C LEU B 77 -8.71 -1.50 9.51
N GLU B 78 -8.10 -2.66 9.31
CA GLU B 78 -6.69 -2.80 8.88
C GLU B 78 -6.51 -1.99 7.58
N THR B 79 -7.49 -2.09 6.65
CA THR B 79 -7.45 -1.39 5.36
C THR B 79 -7.43 0.12 5.60
N ASP B 80 -8.40 0.63 6.34
CA ASP B 80 -8.58 2.10 6.47
C ASP B 80 -7.53 2.72 7.40
N TYR B 81 -7.05 2.03 8.42
CA TYR B 81 -6.30 2.67 9.54
C TYR B 81 -4.89 2.12 9.67
N TRP B 82 -4.43 1.23 8.77
CA TRP B 82 -3.06 0.70 8.84
C TRP B 82 -2.44 0.66 7.43
N TYR B 83 -2.98 -0.15 6.47
CA TYR B 83 -2.39 -0.30 5.10
C TYR B 83 -2.61 0.97 4.24
N GLY B 84 -3.81 1.43 4.14
CA GLY B 84 -4.20 2.62 3.36
C GLY B 84 -3.28 3.82 3.66
N PRO B 85 -3.10 4.17 4.95
CA PRO B 85 -2.27 5.31 5.34
C PRO B 85 -0.77 5.00 5.21
N ARG B 86 -0.43 3.73 4.98
CA ARG B 86 0.96 3.24 4.86
C ARG B 86 1.65 3.27 6.22
N PHE B 87 0.90 3.05 7.31
CA PHE B 87 1.53 2.90 8.65
C PHE B 87 2.30 1.57 8.74
N ASP B 88 1.92 0.57 7.93
CA ASP B 88 2.66 -0.73 7.87
C ASP B 88 4.09 -0.50 7.37
N ARG B 89 4.26 0.42 6.41
CA ARG B 89 5.58 0.73 5.85
C ARG B 89 6.35 1.56 6.89
N VAL B 90 5.68 2.48 7.59
CA VAL B 90 6.31 3.23 8.71
C VAL B 90 6.88 2.16 9.69
N ALA B 91 6.09 1.15 10.03
CA ALA B 91 6.42 0.11 11.05
C ALA B 91 7.70 -0.61 10.71
N LYS B 92 8.01 -0.76 9.44
CA LYS B 92 9.29 -1.35 9.02
C LYS B 92 10.41 -0.50 9.59
N ALA B 93 10.29 0.85 9.61
CA ALA B 93 11.32 1.75 10.17
C ALA B 93 11.17 1.85 11.70
N SER B 94 9.96 2.00 12.21
CA SER B 94 9.75 2.12 13.67
C SER B 94 8.37 1.59 14.02
N PRO B 95 8.32 0.37 14.61
CA PRO B 95 7.07 -0.19 15.09
C PRO B 95 6.36 0.77 16.05
N ASP B 96 7.09 1.47 16.93
CA ASP B 96 6.47 2.34 17.96
C ASP B 96 5.84 3.59 17.28
N VAL B 97 6.53 4.21 16.35
CA VAL B 97 5.96 5.40 15.63
C VAL B 97 4.72 4.96 14.85
N ALA B 98 4.77 3.84 14.18
CA ALA B 98 3.62 3.33 13.41
C ALA B 98 2.43 3.08 14.34
N ALA B 99 2.66 2.50 15.51
CA ALA B 99 1.56 2.24 16.47
C ALA B 99 0.95 3.55 16.98
N GLU B 100 1.76 4.57 17.20
CA GLU B 100 1.24 5.91 17.62
C GLU B 100 0.41 6.52 16.51
N LEU B 101 0.89 6.45 15.28
CA LEU B 101 0.14 7.03 14.14
C LEU B 101 -1.18 6.30 14.02
N CYS B 102 -1.17 5.00 14.20
CA CYS B 102 -2.36 4.17 13.99
C CYS B 102 -3.40 4.55 15.07
N ASP B 103 -2.97 4.68 16.30
CA ASP B 103 -3.87 5.07 17.43
C ASP B 103 -4.46 6.46 17.14
N THR B 104 -3.60 7.39 16.75
CA THR B 104 -4.01 8.80 16.42
C THR B 104 -4.99 8.76 15.25
N GLY B 105 -4.66 7.99 14.23
CA GLY B 105 -5.50 7.96 13.02
C GLY B 105 -6.90 7.45 13.30
N VAL B 106 -7.06 6.43 14.15
CA VAL B 106 -8.42 5.86 14.43
C VAL B 106 -9.25 6.93 15.16
N ASN B 107 -8.68 7.75 16.05
CA ASN B 107 -9.40 8.86 16.76
C ASN B 107 -9.58 10.14 15.92
N MET B 108 -8.61 10.57 15.11
CA MET B 108 -8.63 11.92 14.50
C MET B 108 -8.58 11.87 12.97
N GLY B 109 -8.35 10.70 12.35
CA GLY B 109 -8.08 10.63 10.92
C GLY B 109 -6.61 10.31 10.64
N PRO B 110 -6.31 9.26 9.86
CA PRO B 110 -4.92 8.92 9.57
C PRO B 110 -4.12 10.04 8.90
N SER B 111 -4.74 10.92 8.11
CA SER B 111 -3.96 11.98 7.43
C SER B 111 -3.62 13.08 8.46
N VAL B 112 -4.42 13.23 9.48
CA VAL B 112 -4.09 14.17 10.58
C VAL B 112 -2.83 13.66 11.29
N ALA B 113 -2.80 12.37 11.53
CA ALA B 113 -1.64 11.73 12.16
C ALA B 113 -0.40 11.85 11.27
N ALA B 114 -0.51 11.43 10.01
CA ALA B 114 0.58 11.52 9.01
C ALA B 114 1.13 12.96 8.87
N LYS B 115 0.30 13.95 8.90
CA LYS B 115 0.76 15.37 8.81
C LYS B 115 1.61 15.78 10.02
N MET B 116 1.27 15.29 11.20
CA MET B 116 2.05 15.57 12.42
C MET B 116 3.45 15.00 12.24
N LEU B 117 3.58 13.76 11.76
CA LEU B 117 4.90 13.17 11.50
C LEU B 117 5.72 14.04 10.54
N GLN B 118 5.08 14.55 9.47
CA GLN B 118 5.78 15.32 8.44
C GLN B 118 6.28 16.63 9.07
N ARG B 119 5.45 17.27 9.88
CA ARG B 119 5.85 18.55 10.50
C ARG B 119 7.11 18.27 11.34
N TRP B 120 7.08 17.27 12.20
CA TRP B 120 8.24 16.97 13.10
C TRP B 120 9.49 16.58 12.30
N LEU B 121 9.35 15.74 11.25
CA LEU B 121 10.54 15.34 10.49
C LEU B 121 11.17 16.56 9.79
N ASN B 122 10.36 17.52 9.42
CA ASN B 122 10.84 18.77 8.78
C ASN B 122 11.56 19.60 9.82
N VAL B 123 11.06 19.72 11.04
CA VAL B 123 11.75 20.58 12.05
C VAL B 123 13.09 19.92 12.42
N PHE B 124 13.15 18.59 12.44
CA PHE B 124 14.32 17.83 12.94
C PHE B 124 15.30 17.48 11.82
N ASN B 125 15.18 18.11 10.65
CA ASN B 125 16.10 17.76 9.52
C ASN B 125 17.34 18.66 9.51
N GLN B 126 17.49 19.54 10.52
CA GLN B 126 18.68 20.40 10.80
C GLN B 126 18.87 21.40 9.65
N GLY B 127 17.85 22.23 9.40
CA GLY B 127 17.83 23.21 8.32
C GLY B 127 18.08 22.54 6.98
N GLY B 128 17.62 21.29 6.80
CA GLY B 128 17.65 20.61 5.50
C GLY B 128 18.90 19.80 5.34
N ARG B 129 19.79 19.75 6.32
CA ARG B 129 21.03 18.96 6.26
C ARG B 129 20.71 17.48 6.03
N LEU B 130 19.79 16.86 6.80
CA LEU B 130 19.53 15.38 6.71
C LEU B 130 18.75 15.07 5.44
N TYR B 131 17.80 15.93 5.06
CA TYR B 131 16.92 15.78 3.88
C TYR B 131 16.19 17.09 3.71
N PRO B 132 15.72 17.42 2.50
CA PRO B 132 14.97 18.65 2.30
C PRO B 132 13.59 18.56 2.98
N ASP B 133 13.01 19.69 3.35
CA ASP B 133 11.62 19.80 3.85
C ASP B 133 10.68 19.04 2.92
N MET B 134 9.77 18.23 3.46
CA MET B 134 8.74 17.52 2.63
C MET B 134 7.45 18.33 2.72
N ASP B 135 6.58 18.06 1.79
CA ASP B 135 5.16 18.51 1.82
C ASP B 135 4.48 17.96 3.06
N THR B 136 3.79 18.81 3.79
CA THR B 136 3.03 18.40 4.99
C THR B 136 1.59 18.18 4.51
N ASP B 137 1.40 17.26 3.57
CA ASP B 137 0.10 17.04 2.90
C ASP B 137 -0.69 16.00 3.71
N GLY B 138 -0.08 15.29 4.65
CA GLY B 138 -0.81 14.26 5.41
C GLY B 138 -0.91 12.96 4.62
N ARG B 139 -0.08 12.76 3.63
CA ARG B 139 -0.05 11.47 2.88
C ARG B 139 1.34 10.87 2.98
N ILE B 140 1.45 9.66 3.50
CA ILE B 140 2.80 9.06 3.66
C ILE B 140 3.26 8.53 2.30
N GLY B 141 4.31 9.13 1.76
CA GLY B 141 4.86 8.74 0.45
C GLY B 141 6.27 8.22 0.60
N PRO B 142 6.91 7.80 -0.50
CA PRO B 142 8.29 7.33 -0.45
C PRO B 142 9.26 8.37 0.16
N ARG B 143 9.10 9.66 -0.11
CA ARG B 143 9.97 10.70 0.50
C ARG B 143 9.73 10.82 2.04
N THR B 144 8.50 10.65 2.54
CA THR B 144 8.25 10.69 4.00
C THR B 144 8.97 9.48 4.62
N LEU B 145 8.83 8.29 4.04
CA LEU B 145 9.48 7.07 4.61
C LEU B 145 11.01 7.20 4.46
N ASN B 146 11.53 7.74 3.35
CA ASN B 146 12.99 7.95 3.27
C ASN B 146 13.47 8.92 4.38
N ALA B 147 12.78 10.04 4.59
CA ALA B 147 13.12 11.02 5.64
C ALA B 147 13.09 10.32 7.01
N LEU B 148 12.08 9.47 7.28
CA LEU B 148 12.02 8.79 8.59
C LEU B 148 13.30 7.92 8.76
N ARG B 149 13.70 7.19 7.72
CA ARG B 149 14.84 6.24 7.81
C ARG B 149 16.16 7.01 8.03
N VAL B 150 16.33 8.13 7.34
CA VAL B 150 17.56 8.98 7.49
C VAL B 150 17.56 9.54 8.92
N TYR B 151 16.45 10.06 9.38
CA TYR B 151 16.33 10.64 10.73
C TYR B 151 16.76 9.55 11.73
N LEU B 152 16.19 8.36 11.60
CA LEU B 152 16.42 7.26 12.58
C LEU B 152 17.87 6.78 12.49
N GLU B 153 18.48 6.82 11.31
CA GLU B 153 19.89 6.42 11.14
C GLU B 153 20.80 7.49 11.77
N LYS B 154 20.51 8.78 11.61
CA LYS B 154 21.38 9.86 12.16
C LYS B 154 21.21 9.96 13.68
N ARG B 155 20.01 9.85 14.21
CA ARG B 155 19.77 10.21 15.63
C ARG B 155 19.55 8.96 16.47
N GLY B 156 19.40 7.80 15.84
CA GLY B 156 19.49 6.51 16.56
C GLY B 156 18.25 6.28 17.38
N LYS B 157 18.33 5.37 18.34
CA LYS B 157 17.17 5.04 19.22
C LYS B 157 16.74 6.28 20.03
N ASP B 158 17.68 7.18 20.38
CA ASP B 158 17.29 8.41 21.10
C ASP B 158 16.40 9.23 20.17
N GLY B 159 16.67 9.16 18.87
CA GLY B 159 15.87 9.85 17.85
C GLY B 159 14.43 9.39 17.87
N GLU B 160 14.22 8.07 17.93
CA GLU B 160 12.88 7.46 17.91
C GLU B 160 12.19 7.91 19.20
N ARG B 161 12.84 7.82 20.36
CA ARG B 161 12.14 8.25 21.61
C ARG B 161 11.70 9.72 21.53
N VAL B 162 12.58 10.60 21.06
CA VAL B 162 12.32 12.06 20.94
C VAL B 162 11.12 12.27 20.01
N LEU B 163 11.14 11.62 18.87
CA LEU B 163 10.06 11.78 17.87
C LEU B 163 8.74 11.32 18.48
N LEU B 164 8.72 10.28 19.34
CA LEU B 164 7.46 9.81 19.94
C LEU B 164 6.94 10.83 20.95
N VAL B 165 7.80 11.49 21.69
CA VAL B 165 7.42 12.54 22.68
C VAL B 165 6.78 13.68 21.89
N ALA B 166 7.44 14.11 20.83
CA ALA B 166 6.98 15.22 19.98
C ALA B 166 5.60 14.89 19.41
N LEU B 167 5.44 13.67 18.88
CA LEU B 167 4.14 13.26 18.31
C LEU B 167 3.04 13.31 19.36
N ASN B 168 3.36 12.89 20.58
CA ASN B 168 2.44 12.98 21.75
C ASN B 168 2.06 14.43 22.06
N CYS B 169 2.97 15.40 21.93
CA CYS B 169 2.65 16.80 22.18
C CYS B 169 1.61 17.30 21.15
N THR B 170 1.76 16.96 19.87
CA THR B 170 0.86 17.44 18.79
C THR B 170 -0.48 16.73 18.96
N GLN B 171 -0.49 15.47 19.36
CA GLN B 171 -1.73 14.72 19.67
C GLN B 171 -2.48 15.38 20.79
N GLY B 172 -1.82 15.65 21.93
CA GLY B 172 -2.47 16.20 23.14
C GLY B 172 -3.11 17.56 22.84
N GLU B 173 -2.41 18.41 22.10
CA GLU B 173 -2.89 19.79 21.79
C GLU B 173 -4.06 19.72 20.80
N ARG B 174 -4.03 18.79 19.86
CA ARG B 174 -5.20 18.54 18.96
C ARG B 174 -6.38 18.00 19.79
N TYR B 175 -6.16 17.12 20.80
CA TYR B 175 -7.29 16.69 21.64
C TYR B 175 -7.85 17.88 22.40
N LEU B 176 -7.01 18.84 22.78
CA LEU B 176 -7.51 20.04 23.50
C LEU B 176 -8.51 20.78 22.59
N GLU B 177 -8.06 21.09 21.39
CA GLU B 177 -8.83 21.82 20.36
C GLU B 177 -10.15 21.08 20.13
N LEU B 178 -10.08 19.76 19.96
CA LEU B 178 -11.29 18.97 19.70
C LEU B 178 -12.26 19.08 20.87
N ALA B 179 -11.74 18.96 22.10
CA ALA B 179 -12.59 19.05 23.30
C ALA B 179 -13.22 20.46 23.40
N GLU B 180 -12.49 21.49 22.99
CA GLU B 180 -13.00 22.88 23.11
C GLU B 180 -14.19 23.09 22.16
N LYS B 181 -14.18 22.41 21.02
CA LYS B 181 -15.24 22.48 19.99
C LYS B 181 -16.32 21.46 20.31
N ARG B 182 -16.15 20.69 21.40
CA ARG B 182 -17.08 19.60 21.82
C ARG B 182 -16.98 18.40 20.86
N GLU B 183 -15.87 18.21 20.14
CA GLU B 183 -15.69 17.10 19.15
C GLU B 183 -14.93 15.94 19.80
N ALA B 184 -14.87 15.91 21.13
CA ALA B 184 -14.08 14.97 21.95
C ALA B 184 -14.56 15.12 23.39
N ASP B 185 -14.81 14.03 24.10
CA ASP B 185 -15.34 14.09 25.49
C ASP B 185 -14.19 14.50 26.42
N GLU B 186 -14.48 15.33 27.43
CA GLU B 186 -13.48 15.79 28.43
C GLU B 186 -12.88 14.54 29.09
N SER B 187 -13.73 13.54 29.36
CA SER B 187 -13.33 12.32 30.05
C SER B 187 -12.27 11.63 29.20
N PHE B 188 -12.51 11.55 27.89
CA PHE B 188 -11.55 10.92 26.94
C PHE B 188 -10.19 11.60 27.11
N VAL B 189 -10.14 12.94 27.05
CA VAL B 189 -8.85 13.71 26.99
C VAL B 189 -8.15 13.57 28.33
N TYR B 190 -8.86 13.66 29.44
CA TYR B 190 -8.29 13.41 30.77
C TYR B 190 -7.72 11.97 30.85
N GLY B 191 -8.51 10.99 30.40
CA GLY B 191 -8.16 9.57 30.31
C GLY B 191 -6.93 9.31 29.46
N TRP B 192 -6.89 9.97 28.31
CA TRP B 192 -5.76 9.90 27.34
C TRP B 192 -4.49 10.51 27.97
N MET B 193 -4.58 11.64 28.68
CA MET B 193 -3.39 12.17 29.41
C MET B 193 -2.98 11.21 30.52
N LYS B 194 -3.94 10.73 31.29
CA LYS B 194 -3.67 9.93 32.51
C LYS B 194 -2.85 8.68 32.12
N GLU B 195 -3.22 8.02 31.00
CA GLU B 195 -2.56 6.76 30.54
C GLU B 195 -1.13 7.10 30.10
N ARG B 196 -0.80 8.36 29.87
CA ARG B 196 0.57 8.75 29.44
C ARG B 196 1.33 9.35 30.62
N VAL B 197 0.74 9.34 31.82
CA VAL B 197 1.33 9.98 33.03
C VAL B 197 2.81 9.58 33.12
#